data_5XJ4
#
_entry.id   5XJ4
#
_cell.length_a   133.890
_cell.length_b   133.890
_cell.length_c   133.890
_cell.angle_alpha   90.00
_cell.angle_beta   90.00
_cell.angle_gamma   90.00
#
_symmetry.space_group_name_H-M   'P 2 3'
#
loop_
_entity.id
_entity.type
_entity.pdbx_description
1 polymer 'Programmed cell death 1 ligand 1'
2 polymer durvalumab-VH
3 polymer durvalumab-VL
4 water water
#
loop_
_entity_poly.entity_id
_entity_poly.type
_entity_poly.pdbx_seq_one_letter_code
_entity_poly.pdbx_strand_id
1 'polypeptide(L)'
;MFTVTVPKDLYVVEYGSNMTIECKFPVEKQLDLAALIVYWEMEDKNIIQFVHGEEDLKVQHSSYRQRARLLKDQLSLGNA
ALQITDVKLQDAGVYRCMISYGGADYKRITVKVNAPYNKINQRILVVDPVTSEHELTCQAEGYPKAEVIWTSSDHQVLSG
KTTTTNSKREEKLFNVTSTLRINTTTNEIFYCTFRRLDPEENHTAELVIPELPLAHPPNER
;
A
2 'polypeptide(L)'
;EVQLVESGGGLVQPGGSLRLSCAASGFTFSRYWMSWVRQAPGKGLEWVANIKQDGSEKYYVDSVKGRFTISRDNAKNSLY
LQMNSLRAEDTAVYYCAREGGWFGELAFDYWGQGTLVTVSS
;
H
3 'polypeptide(L)'
;EIVLTQSPGTLSLSPGERATLSCRASQRVSSSYLAWYQQKPGQAPRLLIYDASSRATGIPDRFSGSGSGTDFTLTISRLE
PEDFAVYYCQQYGSLPWTFGQGTKVEIKRGGGGS
;
L
#
# COMPACT_ATOMS: atom_id res chain seq x y z
N MET A 1 -16.83 12.28 15.80
CA MET A 1 -15.79 11.25 15.70
C MET A 1 -14.48 11.85 15.19
N PHE A 2 -13.39 11.10 15.35
CA PHE A 2 -12.07 11.58 15.01
C PHE A 2 -11.52 10.83 13.80
N THR A 3 -11.36 11.55 12.70
CA THR A 3 -10.87 10.95 11.46
C THR A 3 -9.62 11.66 10.95
N VAL A 4 -8.54 10.90 10.80
CA VAL A 4 -7.35 11.43 10.15
C VAL A 4 -7.50 11.30 8.64
N THR A 5 -7.29 12.39 7.93
CA THR A 5 -7.47 12.39 6.48
C THR A 5 -6.14 12.56 5.77
N VAL A 6 -5.95 11.80 4.69
CA VAL A 6 -4.81 12.00 3.81
C VAL A 6 -5.31 12.33 2.41
N PRO A 7 -5.75 13.58 2.21
CA PRO A 7 -6.33 14.03 0.93
C PRO A 7 -5.37 13.83 -0.23
N LYS A 8 -4.09 13.70 0.09
CA LYS A 8 -3.08 13.32 -0.88
C LYS A 8 -2.38 12.06 -0.38
N ASP A 9 -2.68 10.93 -1.00
CA ASP A 9 -2.17 9.64 -0.53
C ASP A 9 -0.96 9.19 -1.34
N LEU A 10 -0.68 9.88 -2.43
CA LEU A 10 0.46 9.56 -3.28
C LEU A 10 1.33 10.78 -3.53
N TYR A 11 2.60 10.69 -3.16
CA TYR A 11 3.55 11.77 -3.41
C TYR A 11 4.62 11.34 -4.40
N VAL A 12 4.79 12.11 -5.47
CA VAL A 12 5.87 11.88 -6.41
C VAL A 12 6.89 12.99 -6.30
N VAL A 13 7.99 12.73 -5.60
CA VAL A 13 9.02 13.73 -5.40
C VAL A 13 10.26 13.39 -6.23
N GLU A 14 10.92 14.42 -6.75
CA GLU A 14 12.11 14.19 -7.55
C GLU A 14 13.30 13.93 -6.64
N TYR A 15 14.20 13.06 -7.09
CA TYR A 15 15.43 12.76 -6.38
C TYR A 15 16.20 14.03 -6.02
N GLY A 16 16.62 14.12 -4.77
CA GLY A 16 17.44 15.24 -4.32
C GLY A 16 16.65 16.43 -3.82
N SER A 17 15.35 16.43 -4.05
CA SER A 17 14.52 17.56 -3.63
C SER A 17 14.00 17.37 -2.21
N ASN A 18 13.26 18.36 -1.72
CA ASN A 18 12.67 18.29 -0.39
C ASN A 18 11.23 17.77 -0.44
N MET A 19 10.83 17.07 0.61
CA MET A 19 9.51 16.45 0.63
C MET A 19 8.75 16.82 1.89
N THR A 20 7.49 17.20 1.73
CA THR A 20 6.63 17.50 2.86
C THR A 20 5.29 16.79 2.72
N ILE A 21 5.08 15.75 3.52
CA ILE A 21 3.85 14.97 3.45
C ILE A 21 2.94 15.28 4.63
N GLU A 22 1.63 15.27 4.41
CA GLU A 22 0.70 15.81 5.40
C GLU A 22 -0.43 14.86 5.79
N CYS A 23 -0.90 15.02 7.04
CA CYS A 23 -2.10 14.36 7.51
C CYS A 23 -3.00 15.38 8.20
N LYS A 24 -4.27 15.42 7.82
CA LYS A 24 -5.19 16.37 8.40
C LYS A 24 -5.98 15.74 9.54
N PHE A 25 -6.33 16.55 10.54
CA PHE A 25 -7.15 16.09 11.64
C PHE A 25 -7.98 17.26 12.17
N PRO A 26 -9.17 16.98 12.73
CA PRO A 26 -10.08 18.06 13.11
C PRO A 26 -9.63 18.85 14.33
N VAL A 27 -9.55 20.17 14.16
CA VAL A 27 -9.32 21.10 15.26
C VAL A 27 -10.42 22.16 15.24
N GLU A 28 -11.27 22.19 16.26
CA GLU A 28 -12.48 23.00 16.19
C GLU A 28 -12.25 24.45 16.63
N LYS A 29 -11.35 24.66 17.59
CA LYS A 29 -10.96 26.02 17.97
C LYS A 29 -9.48 26.07 18.36
N GLN A 30 -9.16 26.55 19.56
CA GLN A 30 -7.77 26.64 19.96
C GLN A 30 -7.18 25.26 20.26
N LEU A 31 -6.13 24.91 19.52
CA LEU A 31 -5.42 23.66 19.72
C LEU A 31 -4.78 23.56 21.11
N ASP A 32 -4.91 22.41 21.74
CA ASP A 32 -4.24 22.18 23.02
C ASP A 32 -3.14 21.14 22.85
N LEU A 33 -1.90 21.61 22.84
CA LEU A 33 -0.73 20.75 22.62
C LEU A 33 -0.56 19.67 23.68
N ALA A 34 -1.07 19.94 24.89
CA ALA A 34 -0.94 19.01 26.00
C ALA A 34 -1.75 17.73 25.78
N ALA A 35 -2.76 17.81 24.91
CA ALA A 35 -3.62 16.66 24.64
C ALA A 35 -3.33 16.05 23.27
N LEU A 36 -2.29 16.54 22.61
CA LEU A 36 -1.96 16.10 21.26
C LEU A 36 -0.77 15.13 21.21
N ILE A 37 -0.89 14.09 20.39
CA ILE A 37 0.19 13.16 20.13
C ILE A 37 0.27 12.89 18.63
N VAL A 38 1.48 12.94 18.08
CA VAL A 38 1.69 12.73 16.66
C VAL A 38 2.85 11.77 16.41
N TYR A 39 2.56 10.66 15.72
CA TYR A 39 3.60 9.72 15.33
C TYR A 39 3.78 9.70 13.82
N TRP A 40 5.03 9.76 13.38
CA TRP A 40 5.36 9.49 12.00
C TRP A 40 6.32 8.31 11.93
N GLU A 41 5.95 7.31 11.13
CA GLU A 41 6.74 6.10 11.03
C GLU A 41 6.98 5.73 9.58
N MET A 42 8.07 5.03 9.32
CA MET A 42 8.33 4.44 8.01
C MET A 42 8.99 3.08 8.24
N GLU A 43 8.46 2.07 7.56
CA GLU A 43 8.91 0.70 7.78
C GLU A 43 8.85 0.36 9.26
N ASP A 44 9.99 0.03 9.85
CA ASP A 44 10.05 -0.27 11.29
C ASP A 44 10.81 0.81 12.04
N LYS A 45 10.86 2.01 11.48
CA LYS A 45 11.60 3.10 12.09
C LYS A 45 10.65 4.20 12.56
N ASN A 46 10.94 4.76 13.73
CA ASN A 46 10.20 5.90 14.23
C ASN A 46 10.84 7.20 13.73
N ILE A 47 10.07 8.00 13.00
CA ILE A 47 10.55 9.26 12.49
C ILE A 47 10.21 10.39 13.43
N ILE A 48 8.93 10.52 13.76
CA ILE A 48 8.50 11.57 14.69
C ILE A 48 7.71 11.00 15.86
N GLN A 49 8.14 11.36 17.08
CA GLN A 49 7.41 11.01 18.28
C GLN A 49 7.09 12.30 19.05
N PHE A 50 6.06 12.99 18.59
CA PHE A 50 5.66 14.27 19.18
C PHE A 50 4.62 14.08 20.25
N VAL A 51 5.05 14.06 21.51
CA VAL A 51 4.13 13.79 22.61
C VAL A 51 4.02 14.96 23.58
N HIS A 52 2.80 15.47 23.75
CA HIS A 52 2.48 16.51 24.71
C HIS A 52 3.43 17.70 24.65
N GLY A 53 3.57 18.29 23.47
CA GLY A 53 4.35 19.51 23.33
C GLY A 53 5.71 19.38 22.66
N GLU A 54 6.46 18.33 22.99
CA GLU A 54 7.83 18.23 22.49
C GLU A 54 8.16 16.91 21.84
N GLU A 55 8.98 16.99 20.79
CA GLU A 55 9.55 15.82 20.14
C GLU A 55 10.47 15.08 21.09
N ASP A 56 10.30 13.77 21.19
CA ASP A 56 11.20 12.96 22.00
C ASP A 56 12.32 12.48 21.10
N LEU A 57 13.46 13.15 21.20
CA LEU A 57 14.61 12.85 20.34
C LEU A 57 15.27 11.52 20.70
N LYS A 58 14.94 10.97 21.86
CA LYS A 58 15.53 9.71 22.29
C LYS A 58 14.95 8.53 21.52
N VAL A 59 13.63 8.52 21.31
CA VAL A 59 12.98 7.42 20.60
C VAL A 59 13.18 7.49 19.09
N GLN A 60 13.28 8.71 18.55
CA GLN A 60 13.37 8.91 17.12
C GLN A 60 14.66 8.33 16.55
N HIS A 61 14.56 7.71 15.38
CA HIS A 61 15.65 6.95 14.78
C HIS A 61 16.84 7.83 14.37
N SER A 62 18.03 7.22 14.34
CA SER A 62 19.28 7.92 14.11
C SER A 62 19.43 8.47 12.69
N SER A 63 18.80 7.82 11.72
CA SER A 63 18.96 8.24 10.33
C SER A 63 18.20 9.53 10.02
N TYR A 64 17.41 10.00 10.97
CA TYR A 64 16.51 11.13 10.73
C TYR A 64 16.71 12.33 11.66
N ARG A 65 17.75 12.32 12.49
CA ARG A 65 17.96 13.40 13.46
C ARG A 65 18.04 14.74 12.74
N GLN A 66 18.73 14.72 11.60
CA GLN A 66 18.93 15.96 10.83
C GLN A 66 18.17 16.21 9.57
N ARG A 67 17.50 15.20 9.08
CA ARG A 67 16.82 15.31 7.82
C ARG A 67 15.36 15.66 8.04
N ALA A 68 14.79 15.12 9.11
CA ALA A 68 13.34 15.11 9.30
C ALA A 68 12.89 16.00 10.45
N ARG A 69 11.75 16.65 10.26
CA ARG A 69 11.11 17.37 11.36
C ARG A 69 9.63 17.65 11.11
N LEU A 70 8.91 17.87 12.20
CA LEU A 70 7.48 18.17 12.15
C LEU A 70 7.27 19.68 12.18
N LEU A 71 6.57 20.20 11.17
CA LEU A 71 6.30 21.63 11.11
C LEU A 71 5.28 22.04 12.15
N LYS A 72 5.76 22.37 13.35
CA LYS A 72 4.90 22.68 14.50
C LYS A 72 3.82 23.72 14.20
N ASP A 73 4.19 24.77 13.48
CA ASP A 73 3.28 25.88 13.21
C ASP A 73 2.01 25.44 12.49
N GLN A 74 2.10 24.32 11.79
CA GLN A 74 0.97 23.79 11.02
C GLN A 74 -0.06 23.10 11.90
N LEU A 75 0.37 22.62 13.07
CA LEU A 75 -0.49 21.80 13.93
C LEU A 75 -1.78 22.51 14.35
N SER A 76 -1.70 23.82 14.56
CA SER A 76 -2.86 24.59 14.98
C SER A 76 -3.92 24.63 13.89
N LEU A 77 -3.52 24.35 12.66
CA LEU A 77 -4.44 24.30 11.53
C LEU A 77 -5.01 22.89 11.33
N GLY A 78 -4.66 21.99 12.24
CA GLY A 78 -5.06 20.61 12.12
C GLY A 78 -4.29 19.92 11.01
N ASN A 79 -3.04 20.31 10.85
CA ASN A 79 -2.19 19.76 9.80
C ASN A 79 -0.87 19.23 10.37
N ALA A 80 -0.70 17.92 10.31
CA ALA A 80 0.55 17.29 10.73
C ALA A 80 1.43 17.08 9.51
N ALA A 81 2.43 17.94 9.35
CA ALA A 81 3.29 17.89 8.18
C ALA A 81 4.69 17.42 8.54
N LEU A 82 5.09 16.30 7.95
CA LEU A 82 6.45 15.78 8.08
C LEU A 82 7.31 16.26 6.92
N GLN A 83 8.41 16.92 7.25
CA GLN A 83 9.34 17.38 6.25
C GLN A 83 10.64 16.60 6.31
N ILE A 84 11.04 16.04 5.17
CA ILE A 84 12.29 15.33 5.02
C ILE A 84 13.08 15.94 3.87
N THR A 85 14.35 16.24 4.11
CA THR A 85 15.17 16.96 3.14
C THR A 85 16.12 16.06 2.36
N ASP A 86 16.44 16.47 1.14
CA ASP A 86 17.30 15.74 0.22
C ASP A 86 16.90 14.26 0.13
N VAL A 87 15.76 14.03 -0.52
CA VAL A 87 15.20 12.69 -0.64
C VAL A 87 16.03 11.77 -1.52
N LYS A 88 16.30 10.57 -1.03
CA LYS A 88 17.00 9.55 -1.82
C LYS A 88 16.02 8.45 -2.24
N LEU A 89 16.53 7.43 -2.93
CA LEU A 89 15.68 6.35 -3.41
C LEU A 89 15.10 5.49 -2.28
N GLN A 90 15.86 5.34 -1.20
CA GLN A 90 15.41 4.53 -0.07
C GLN A 90 14.43 5.28 0.83
N ASP A 91 14.02 6.47 0.39
CA ASP A 91 13.01 7.23 1.09
C ASP A 91 11.63 6.94 0.49
N ALA A 92 11.62 6.26 -0.65
CA ALA A 92 10.38 5.83 -1.27
C ALA A 92 9.76 4.68 -0.48
N GLY A 93 8.43 4.66 -0.40
CA GLY A 93 7.76 3.60 0.33
C GLY A 93 6.52 4.08 1.07
N VAL A 94 6.17 3.37 2.13
CA VAL A 94 4.94 3.67 2.87
C VAL A 94 5.23 4.32 4.21
N TYR A 95 4.55 5.42 4.47
CA TYR A 95 4.68 6.14 5.73
C TYR A 95 3.36 6.07 6.50
N ARG A 96 3.44 5.96 7.82
CA ARG A 96 2.23 5.94 8.64
C ARG A 96 2.19 7.14 9.56
N CYS A 97 1.06 7.84 9.57
CA CYS A 97 0.86 8.93 10.52
C CYS A 97 -0.23 8.55 11.50
N MET A 98 0.08 8.67 12.80
CA MET A 98 -0.90 8.43 13.83
C MET A 98 -1.17 9.70 14.59
N ILE A 99 -2.41 10.19 14.55
CA ILE A 99 -2.78 11.35 15.33
C ILE A 99 -3.72 10.96 16.46
N SER A 100 -3.34 11.36 17.67
CA SER A 100 -4.17 11.17 18.84
C SER A 100 -4.51 12.53 19.45
N TYR A 101 -5.79 12.81 19.54
CA TYR A 101 -6.25 14.09 20.06
C TYR A 101 -7.69 13.94 20.55
N GLY A 102 -7.85 13.31 21.71
CA GLY A 102 -9.16 13.04 22.27
C GLY A 102 -9.88 11.96 21.49
N GLY A 103 -9.08 11.10 20.88
CA GLY A 103 -9.55 10.13 19.91
C GLY A 103 -8.35 9.91 19.02
N ALA A 104 -8.20 8.70 18.50
CA ALA A 104 -7.00 8.38 17.74
C ALA A 104 -7.35 7.79 16.39
N ASP A 105 -6.52 8.08 15.40
CA ASP A 105 -6.69 7.49 14.09
C ASP A 105 -5.37 7.56 13.34
N TYR A 106 -5.19 6.65 12.39
CA TYR A 106 -3.96 6.67 11.61
C TYR A 106 -4.24 6.47 10.12
N LYS A 107 -3.31 6.94 9.30
CA LYS A 107 -3.42 6.79 7.87
C LYS A 107 -2.07 6.46 7.26
N ARG A 108 -2.10 5.96 6.02
CA ARG A 108 -0.88 5.62 5.31
C ARG A 108 -0.71 6.50 4.09
N ILE A 109 0.55 6.74 3.71
CA ILE A 109 0.88 7.59 2.58
C ILE A 109 1.98 6.93 1.75
N THR A 110 1.81 6.92 0.43
CA THR A 110 2.84 6.37 -0.43
C THR A 110 3.71 7.47 -1.03
N VAL A 111 5.02 7.31 -0.92
CA VAL A 111 5.98 8.25 -1.50
C VAL A 111 6.79 7.58 -2.60
N LYS A 112 6.75 8.19 -3.79
CA LYS A 112 7.57 7.74 -4.92
C LYS A 112 8.71 8.71 -5.19
N VAL A 113 9.91 8.18 -5.36
CA VAL A 113 11.06 9.01 -5.68
C VAL A 113 11.44 8.88 -7.15
N ASN A 114 11.27 9.96 -7.90
CA ASN A 114 11.53 9.94 -9.33
C ASN A 114 12.92 10.51 -9.67
N ALA A 115 13.75 9.71 -10.33
CA ALA A 115 15.06 10.14 -10.78
C ALA A 115 15.14 10.12 -12.31
N PRO A 116 14.60 11.16 -12.95
CA PRO A 116 14.51 11.22 -14.41
C PRO A 116 15.82 11.64 -15.08
N TYR A 117 15.98 11.26 -16.35
CA TYR A 117 17.10 11.72 -17.16
C TYR A 117 16.72 13.02 -17.85
N ASN A 118 16.68 14.12 -17.10
CA ASN A 118 16.25 15.39 -17.68
C ASN A 118 17.37 16.44 -17.68
N LYS A 119 18.49 16.13 -17.05
CA LYS A 119 19.69 16.94 -17.19
C LYS A 119 20.68 16.25 -18.12
N ILE A 120 20.59 16.59 -19.40
CA ILE A 120 21.43 15.95 -20.42
C ILE A 120 22.65 16.80 -20.77
N ASN A 121 23.82 16.27 -20.44
CA ASN A 121 25.08 16.93 -20.78
C ASN A 121 25.57 16.53 -22.17
N GLN A 122 25.68 17.50 -23.07
CA GLN A 122 26.07 17.21 -24.44
C GLN A 122 27.49 17.66 -24.78
N ARG A 123 28.16 16.89 -25.64
CA ARG A 123 29.49 17.24 -26.10
C ARG A 123 29.61 17.07 -27.61
N ILE A 124 30.26 18.03 -28.26
CA ILE A 124 30.48 18.00 -29.69
C ILE A 124 31.97 18.09 -30.01
N LEU A 125 32.57 16.95 -30.36
CA LEU A 125 34.00 16.88 -30.64
C LEU A 125 34.27 16.74 -32.14
N VAL A 126 34.96 17.72 -32.71
CA VAL A 126 35.39 17.61 -34.11
C VAL A 126 36.59 16.69 -34.21
N VAL A 127 36.40 15.54 -34.84
CA VAL A 127 37.49 14.60 -35.05
C VAL A 127 38.28 14.97 -36.30
N ASP A 128 37.56 15.27 -37.39
CA ASP A 128 38.23 15.53 -38.66
C ASP A 128 37.53 16.61 -39.47
N PRO A 129 38.01 17.86 -39.37
CA PRO A 129 37.38 19.00 -40.04
C PRO A 129 37.44 18.91 -41.56
N VAL A 130 38.36 18.09 -42.09
CA VAL A 130 38.45 17.89 -43.53
C VAL A 130 37.20 17.18 -44.05
N THR A 131 36.86 16.06 -43.42
CA THR A 131 35.69 15.27 -43.81
C THR A 131 34.47 15.63 -42.98
N SER A 132 34.60 16.64 -42.13
CA SER A 132 33.53 17.08 -41.23
C SER A 132 33.05 15.94 -40.34
N GLU A 133 33.98 15.15 -39.82
CA GLU A 133 33.69 14.03 -38.93
C GLU A 133 33.65 14.46 -37.47
N HIS A 134 32.49 14.30 -36.86
CA HIS A 134 32.26 14.67 -35.46
C HIS A 134 32.00 13.47 -34.56
N GLU A 135 32.26 13.67 -33.27
CA GLU A 135 31.98 12.69 -32.24
C GLU A 135 31.04 13.28 -31.19
N LEU A 136 29.75 13.05 -31.35
CA LEU A 136 28.75 13.60 -30.43
C LEU A 136 28.60 12.75 -29.17
N THR A 137 28.29 13.43 -28.06
CA THR A 137 28.09 12.74 -26.78
C THR A 137 26.86 13.23 -26.03
N CYS A 138 26.01 12.32 -25.58
CA CYS A 138 24.97 12.71 -24.62
C CYS A 138 25.11 11.89 -23.35
N GLN A 139 24.98 12.54 -22.20
CA GLN A 139 25.17 11.85 -20.93
C GLN A 139 24.18 12.34 -19.88
N ALA A 140 23.64 11.42 -19.09
CA ALA A 140 22.71 11.78 -18.03
C ALA A 140 22.68 10.72 -16.94
N GLU A 141 22.26 11.12 -15.74
CA GLU A 141 22.06 10.18 -14.65
C GLU A 141 20.57 10.02 -14.35
N GLY A 142 20.18 8.81 -13.94
CA GLY A 142 18.79 8.54 -13.64
C GLY A 142 18.54 7.07 -13.31
N TYR A 143 17.30 6.76 -12.92
CA TYR A 143 16.92 5.39 -12.56
C TYR A 143 15.54 5.03 -13.11
N PRO A 144 15.40 3.82 -13.67
CA PRO A 144 16.47 2.84 -13.90
C PRO A 144 17.27 3.12 -15.18
N LYS A 145 17.89 2.10 -15.76
CA LYS A 145 18.64 2.25 -17.01
C LYS A 145 17.79 2.83 -18.15
N ALA A 146 18.44 3.54 -19.07
CA ALA A 146 17.70 4.08 -20.22
C ALA A 146 18.47 3.89 -21.54
N GLU A 147 17.77 4.01 -22.67
CA GLU A 147 18.47 3.93 -23.94
C GLU A 147 18.47 5.27 -24.67
N VAL A 148 19.46 5.47 -25.53
CA VAL A 148 19.60 6.74 -26.22
C VAL A 148 19.30 6.61 -27.71
N ILE A 149 18.41 7.46 -28.20
CA ILE A 149 18.02 7.45 -29.61
C ILE A 149 18.54 8.69 -30.32
N TRP A 150 19.41 8.47 -31.31
CA TRP A 150 19.97 9.56 -32.09
C TRP A 150 19.14 9.79 -33.35
N THR A 151 18.80 11.04 -33.61
CA THR A 151 18.04 11.38 -34.81
C THR A 151 18.65 12.60 -35.51
N SER A 152 18.59 12.61 -36.84
CA SER A 152 19.11 13.71 -37.63
C SER A 152 18.20 14.92 -37.56
N SER A 153 18.30 15.80 -38.56
CA SER A 153 17.41 16.96 -38.66
C SER A 153 16.14 16.59 -39.42
N ASP A 154 16.17 15.44 -40.08
CA ASP A 154 15.00 14.92 -40.79
C ASP A 154 14.41 13.77 -39.99
N HIS A 155 14.71 13.77 -38.70
CA HIS A 155 14.36 12.69 -37.77
C HIS A 155 14.50 11.29 -38.36
N GLN A 156 15.59 11.12 -39.11
CA GLN A 156 16.14 9.84 -39.52
C GLN A 156 16.61 9.19 -38.23
N VAL A 157 16.86 7.89 -38.19
CA VAL A 157 17.46 7.34 -36.99
C VAL A 157 18.80 6.72 -37.33
N LEU A 158 19.78 6.96 -36.45
CA LEU A 158 21.16 6.55 -36.66
C LEU A 158 21.57 5.58 -35.55
N SER A 159 22.67 4.88 -35.74
CA SER A 159 23.15 3.97 -34.71
C SER A 159 24.35 4.57 -34.00
N GLY A 160 24.39 4.46 -32.69
CA GLY A 160 25.51 4.92 -31.89
C GLY A 160 25.83 3.93 -30.80
N LYS A 161 26.92 4.16 -30.09
CA LYS A 161 27.31 3.27 -29.00
C LYS A 161 26.80 3.81 -27.67
N THR A 162 26.47 2.93 -26.73
CA THR A 162 25.92 3.39 -25.45
C THR A 162 26.51 2.61 -24.27
N THR A 163 26.91 3.34 -23.23
CA THR A 163 27.53 2.75 -22.06
C THR A 163 26.76 3.14 -20.79
N THR A 164 26.58 2.17 -19.90
CA THR A 164 25.80 2.37 -18.68
C THR A 164 26.52 1.82 -17.45
N THR A 165 26.69 2.66 -16.44
CA THR A 165 27.34 2.23 -15.20
C THR A 165 26.56 2.56 -13.94
N ASN A 166 27.30 2.79 -12.85
CA ASN A 166 26.70 3.30 -11.61
C ASN A 166 27.51 4.37 -10.81
N SER A 167 27.43 5.63 -11.24
CA SER A 167 27.85 6.78 -10.44
C SER A 167 29.29 7.03 -10.11
N GLU A 170 25.24 10.70 -7.52
CA GLU A 170 25.22 9.80 -6.37
C GLU A 170 24.98 8.35 -6.82
N GLU A 171 25.62 7.40 -6.13
CA GLU A 171 25.54 6.01 -6.57
C GLU A 171 24.32 5.26 -6.07
N LYS A 172 24.12 4.04 -6.58
CA LYS A 172 22.90 3.31 -6.94
C LYS A 172 21.96 4.12 -7.87
N LEU A 173 22.55 5.12 -8.54
CA LEU A 173 21.92 5.73 -9.69
C LEU A 173 22.64 5.28 -10.97
N PHE A 174 21.98 5.38 -12.12
CA PHE A 174 22.61 4.93 -13.36
C PHE A 174 23.17 6.08 -14.18
N ASN A 175 24.43 5.95 -14.57
CA ASN A 175 25.06 6.88 -15.50
C ASN A 175 25.00 6.32 -16.91
N VAL A 176 24.35 7.05 -17.79
CA VAL A 176 24.17 6.62 -19.17
C VAL A 176 24.79 7.61 -20.14
N THR A 177 25.74 7.15 -20.94
CA THR A 177 26.40 8.01 -21.92
C THR A 177 26.50 7.34 -23.30
N SER A 178 26.05 8.07 -24.32
CA SER A 178 26.04 7.56 -25.69
C SER A 178 26.90 8.41 -26.64
N THR A 179 27.67 7.71 -27.46
CA THR A 179 28.59 8.28 -28.44
C THR A 179 28.17 8.02 -29.87
N LEU A 180 28.03 9.09 -30.65
CA LEU A 180 27.70 8.96 -32.06
C LEU A 180 28.77 9.57 -32.96
N ARG A 181 29.48 8.72 -33.71
CA ARG A 181 30.47 9.18 -34.67
C ARG A 181 29.79 9.39 -36.02
N ILE A 182 29.87 10.59 -36.59
CA ILE A 182 29.16 10.86 -37.83
C ILE A 182 29.73 12.05 -38.61
N ASN A 183 29.72 11.93 -39.94
CA ASN A 183 30.09 13.02 -40.83
C ASN A 183 28.88 13.92 -41.07
N THR A 184 29.06 15.22 -40.93
CA THR A 184 27.92 16.13 -40.89
C THR A 184 27.93 17.22 -41.96
N THR A 185 27.02 18.16 -41.75
CA THR A 185 26.86 19.33 -42.58
C THR A 185 26.60 20.51 -41.64
N THR A 186 27.57 21.37 -41.38
CA THR A 186 27.33 22.43 -40.39
C THR A 186 25.97 23.02 -40.69
N ASN A 187 25.30 23.45 -39.63
CA ASN A 187 23.93 23.94 -39.71
C ASN A 187 22.96 22.81 -39.47
N GLU A 188 23.47 21.59 -39.46
CA GLU A 188 22.71 20.39 -39.18
C GLU A 188 22.38 20.31 -37.70
N ILE A 189 21.19 19.83 -37.36
CA ILE A 189 20.79 19.66 -35.98
C ILE A 189 20.59 18.18 -35.68
N PHE A 190 21.23 17.71 -34.61
CA PHE A 190 21.04 16.34 -34.16
C PHE A 190 20.22 16.32 -32.89
N TYR A 191 19.70 15.15 -32.54
CA TYR A 191 18.91 15.01 -31.34
C TYR A 191 19.26 13.72 -30.61
N CYS A 192 19.51 13.84 -29.31
CA CYS A 192 19.65 12.65 -28.48
C CYS A 192 18.45 12.56 -27.55
N THR A 193 17.75 11.44 -27.60
CA THR A 193 16.57 11.25 -26.79
C THR A 193 16.80 10.15 -25.77
N PHE A 194 16.64 10.48 -24.49
CA PHE A 194 16.76 9.48 -23.45
C PHE A 194 15.42 8.82 -23.18
N ARG A 195 15.27 7.57 -23.60
CA ARG A 195 14.04 6.82 -23.37
C ARG A 195 14.21 5.95 -22.13
N ARG A 196 13.43 6.28 -21.10
CA ARG A 196 13.55 5.59 -19.83
C ARG A 196 12.58 4.40 -19.75
N LEU A 197 12.97 3.40 -18.96
CA LEU A 197 12.14 2.24 -18.65
C LEU A 197 11.23 2.55 -17.48
N GLU A 201 6.58 11.40 -21.51
CA GLU A 201 7.75 10.65 -21.09
C GLU A 201 9.07 11.37 -21.44
N ASN A 202 9.62 11.05 -22.61
CA ASN A 202 11.05 11.27 -22.87
C ASN A 202 11.61 12.69 -23.04
N HIS A 203 12.85 12.83 -22.60
CA HIS A 203 13.60 14.08 -22.65
C HIS A 203 14.61 14.06 -23.81
N THR A 204 14.67 15.16 -24.55
CA THR A 204 15.53 15.22 -25.73
C THR A 204 16.44 16.46 -25.73
N ALA A 205 17.73 16.24 -25.96
CA ALA A 205 18.67 17.34 -26.11
C ALA A 205 19.00 17.57 -27.58
N GLU A 206 19.01 18.84 -27.97
CA GLU A 206 19.32 19.25 -29.34
C GLU A 206 20.77 19.69 -29.46
N LEU A 207 21.48 19.10 -30.42
CA LEU A 207 22.89 19.42 -30.63
C LEU A 207 23.07 20.09 -31.99
N VAL A 208 23.39 21.38 -31.95
CA VAL A 208 23.61 22.17 -33.15
C VAL A 208 25.09 22.21 -33.52
N ILE A 209 25.42 21.70 -34.69
CA ILE A 209 26.80 21.71 -35.18
C ILE A 209 27.21 23.12 -35.59
N PRO A 210 28.29 23.64 -34.99
CA PRO A 210 28.80 25.00 -35.25
C PRO A 210 29.58 25.10 -36.55
N GLU A 211 29.91 26.33 -36.96
CA GLU A 211 30.53 26.57 -38.26
C GLU A 211 31.92 25.93 -38.35
N GLU B 1 4.91 -23.51 7.27
CA GLU B 1 5.00 -22.07 7.01
C GLU B 1 4.17 -21.27 8.00
N VAL B 2 3.61 -20.16 7.54
CA VAL B 2 2.78 -19.31 8.38
C VAL B 2 1.52 -20.05 8.85
N GLN B 3 1.31 -20.07 10.16
CA GLN B 3 0.14 -20.70 10.74
C GLN B 3 -0.45 -19.90 11.88
N LEU B 4 -1.75 -19.65 11.77
CA LEU B 4 -2.52 -19.02 12.84
C LEU B 4 -3.56 -20.01 13.33
N VAL B 5 -3.55 -20.30 14.62
CA VAL B 5 -4.50 -21.26 15.18
C VAL B 5 -5.29 -20.66 16.32
N GLU B 6 -6.60 -20.50 16.13
CA GLU B 6 -7.46 -19.93 17.14
C GLU B 6 -7.93 -20.95 18.17
N SER B 7 -8.36 -20.44 19.32
CA SER B 7 -8.97 -21.20 20.40
C SER B 7 -9.44 -20.14 21.37
N GLY B 8 -10.41 -20.40 22.24
CA GLY B 8 -11.30 -21.53 22.15
C GLY B 8 -12.68 -20.97 22.36
N GLY B 9 -13.44 -20.86 21.28
CA GLY B 9 -14.80 -20.37 21.36
C GLY B 9 -15.70 -21.37 22.05
N GLY B 10 -16.97 -21.02 22.18
CA GLY B 10 -17.92 -21.88 22.84
C GLY B 10 -19.30 -21.27 22.94
N LEU B 11 -20.21 -22.00 23.58
CA LEU B 11 -21.55 -21.50 23.83
C LEU B 11 -21.57 -20.72 25.14
N VAL B 12 -22.01 -19.46 25.09
CA VAL B 12 -22.11 -18.65 26.28
C VAL B 12 -23.44 -17.90 26.33
N GLN B 13 -23.83 -17.49 27.52
CA GLN B 13 -25.09 -16.78 27.74
C GLN B 13 -24.92 -15.30 27.42
N PRO B 14 -25.99 -14.66 26.95
CA PRO B 14 -25.97 -13.20 26.74
C PRO B 14 -25.57 -12.47 28.02
N GLY B 15 -24.75 -11.44 27.88
CA GLY B 15 -24.26 -10.70 29.03
C GLY B 15 -23.03 -11.34 29.64
N GLY B 16 -22.67 -12.52 29.14
CA GLY B 16 -21.53 -13.25 29.65
C GLY B 16 -20.20 -12.77 29.09
N SER B 17 -19.16 -13.56 29.34
CA SER B 17 -17.81 -13.20 28.94
C SER B 17 -17.02 -14.39 28.41
N LEU B 18 -16.07 -14.13 27.52
CA LEU B 18 -15.27 -15.20 26.93
C LEU B 18 -13.93 -14.64 26.47
N ARG B 19 -12.86 -15.42 26.62
CA ARG B 19 -11.55 -15.00 26.16
C ARG B 19 -11.07 -15.87 25.00
N LEU B 20 -10.66 -15.21 23.92
CA LEU B 20 -10.09 -15.89 22.77
C LEU B 20 -8.59 -15.66 22.65
N SER B 21 -7.92 -16.57 21.96
CA SER B 21 -6.49 -16.54 21.73
C SER B 21 -6.15 -17.12 20.35
N CYS B 22 -5.07 -16.61 19.78
CA CYS B 22 -4.60 -17.06 18.48
C CYS B 22 -3.09 -17.30 18.55
N ALA B 23 -2.69 -18.54 18.31
CA ALA B 23 -1.28 -18.90 18.36
C ALA B 23 -0.66 -18.82 16.97
N ALA B 24 0.41 -18.05 16.85
CA ALA B 24 1.07 -17.83 15.57
C ALA B 24 2.39 -18.58 15.49
N SER B 25 2.72 -19.06 14.29
CA SER B 25 4.00 -19.70 14.06
C SER B 25 4.41 -19.56 12.60
N GLY B 26 5.68 -19.83 12.31
CA GLY B 26 6.17 -19.81 10.94
C GLY B 26 6.58 -18.42 10.46
N PHE B 27 6.53 -17.45 11.37
CA PHE B 27 6.95 -16.09 11.06
C PHE B 27 7.20 -15.31 12.35
N THR B 28 7.85 -14.16 12.21
CA THR B 28 8.14 -13.33 13.38
C THR B 28 6.89 -12.53 13.78
N PHE B 29 6.16 -13.07 14.76
CA PHE B 29 4.89 -12.51 15.19
C PHE B 29 4.98 -11.06 15.64
N SER B 30 6.12 -10.68 16.20
CA SER B 30 6.31 -9.34 16.74
C SER B 30 6.44 -8.26 15.67
N ARG B 31 6.56 -8.66 14.40
CA ARG B 31 6.75 -7.71 13.31
C ARG B 31 5.45 -7.18 12.71
N TYR B 32 4.33 -7.80 13.06
CA TYR B 32 3.10 -7.56 12.31
C TYR B 32 1.92 -7.04 13.12
N TRP B 33 1.17 -6.14 12.50
CA TRP B 33 -0.15 -5.77 12.98
C TRP B 33 -1.04 -7.01 12.93
N MET B 34 -1.88 -7.18 13.94
CA MET B 34 -2.78 -8.34 13.95
C MET B 34 -4.23 -7.90 14.04
N SER B 35 -5.12 -8.72 13.50
CA SER B 35 -6.55 -8.39 13.45
C SER B 35 -7.46 -9.55 13.83
N TRP B 36 -8.59 -9.20 14.42
CA TRP B 36 -9.72 -10.10 14.60
C TRP B 36 -10.81 -9.73 13.62
N VAL B 37 -11.26 -10.72 12.86
CA VAL B 37 -12.36 -10.60 11.90
C VAL B 37 -13.43 -11.63 12.23
N ARG B 38 -14.72 -11.30 12.10
CA ARG B 38 -15.73 -12.30 12.44
C ARG B 38 -16.77 -12.49 11.34
N GLN B 39 -17.43 -13.65 11.39
CA GLN B 39 -18.44 -14.00 10.39
C GLN B 39 -19.62 -14.74 11.03
N ALA B 40 -20.76 -14.07 11.14
CA ALA B 40 -21.97 -14.73 11.60
C ALA B 40 -22.36 -15.82 10.61
N PRO B 41 -22.94 -16.93 11.12
CA PRO B 41 -23.35 -18.07 10.28
C PRO B 41 -24.23 -17.67 9.09
N GLY B 42 -23.75 -17.95 7.88
CA GLY B 42 -24.47 -17.64 6.67
C GLY B 42 -24.41 -16.17 6.27
N LYS B 43 -23.63 -15.38 7.00
CA LYS B 43 -23.52 -13.97 6.70
C LYS B 43 -22.13 -13.62 6.20
N GLY B 44 -21.86 -12.32 6.05
CA GLY B 44 -20.59 -11.87 5.51
C GLY B 44 -19.52 -11.61 6.55
N LEU B 45 -18.34 -11.21 6.08
CA LEU B 45 -17.22 -10.90 6.95
C LEU B 45 -17.37 -9.53 7.61
N GLU B 46 -16.85 -9.39 8.81
CA GLU B 46 -16.85 -8.12 9.52
C GLU B 46 -15.57 -7.95 10.32
N TRP B 47 -14.86 -6.84 10.10
CA TRP B 47 -13.67 -6.55 10.88
C TRP B 47 -14.07 -6.23 12.31
N VAL B 48 -13.34 -6.78 13.27
CA VAL B 48 -13.64 -6.58 14.67
C VAL B 48 -12.65 -5.65 15.35
N ALA B 49 -11.37 -6.01 15.26
CA ALA B 49 -10.37 -5.18 15.95
C ALA B 49 -8.96 -5.39 15.40
N ASN B 50 -8.06 -4.48 15.72
CA ASN B 50 -6.65 -4.71 15.37
C ASN B 50 -5.71 -4.09 16.37
N ILE B 51 -4.46 -4.53 16.32
CA ILE B 51 -3.45 -4.14 17.30
C ILE B 51 -2.06 -4.04 16.66
N LYS B 52 -1.34 -3.00 17.08
CA LYS B 52 -0.01 -2.68 16.62
C LYS B 52 0.99 -3.73 17.10
N GLN B 53 2.15 -3.79 16.45
CA GLN B 53 3.21 -4.76 16.77
C GLN B 53 3.51 -4.86 18.26
N ASP B 54 3.71 -3.72 18.91
CA ASP B 54 4.09 -3.71 20.32
C ASP B 54 2.88 -3.56 21.24
N GLY B 55 1.69 -3.50 20.64
CA GLY B 55 0.46 -3.41 21.41
C GLY B 55 0.19 -2.05 22.02
N SER B 56 0.88 -1.04 21.52
CA SER B 56 0.72 0.32 22.04
C SER B 56 -0.50 1.02 21.45
N GLU B 57 -0.99 0.50 20.33
CA GLU B 57 -2.19 1.03 19.69
C GLU B 57 -3.19 -0.10 19.47
N LYS B 58 -4.47 0.20 19.72
CA LYS B 58 -5.55 -0.76 19.49
C LYS B 58 -6.74 -0.06 18.87
N TYR B 59 -7.39 -0.68 17.89
CA TYR B 59 -8.56 -0.07 17.29
C TYR B 59 -9.70 -1.08 17.16
N TYR B 60 -10.93 -0.59 17.29
CA TYR B 60 -12.10 -1.46 17.35
C TYR B 60 -13.23 -0.97 16.45
N VAL B 61 -14.05 -1.90 15.97
CA VAL B 61 -15.26 -1.52 15.25
C VAL B 61 -16.24 -0.94 16.29
N ASP B 62 -17.08 -0.01 15.85
CA ASP B 62 -17.91 0.78 16.76
C ASP B 62 -18.83 -0.05 17.65
N SER B 63 -19.47 -1.06 17.08
CA SER B 63 -20.46 -1.86 17.79
C SER B 63 -19.86 -2.72 18.89
N VAL B 64 -18.54 -2.69 18.98
CA VAL B 64 -17.81 -3.59 19.87
C VAL B 64 -17.03 -2.78 20.92
N LYS B 65 -16.87 -1.50 20.64
CA LYS B 65 -16.15 -0.57 21.52
C LYS B 65 -16.68 -0.60 22.95
N GLY B 66 -15.76 -0.74 23.90
CA GLY B 66 -16.13 -0.77 25.31
C GLY B 66 -16.37 -2.18 25.84
N ARG B 67 -16.80 -3.08 24.96
CA ARG B 67 -17.11 -4.44 25.36
C ARG B 67 -15.94 -5.40 25.12
N PHE B 68 -15.25 -5.21 23.99
CA PHE B 68 -14.12 -6.09 23.65
C PHE B 68 -12.78 -5.40 23.92
N THR B 69 -11.76 -6.23 24.13
CA THR B 69 -10.41 -5.73 24.36
C THR B 69 -9.39 -6.62 23.70
N ILE B 70 -8.73 -6.11 22.65
CA ILE B 70 -7.69 -6.87 21.98
C ILE B 70 -6.36 -6.70 22.71
N SER B 71 -5.54 -7.75 22.72
CA SER B 71 -4.22 -7.65 23.35
C SER B 71 -3.27 -8.66 22.71
N ARG B 72 -2.02 -8.64 23.12
CA ARG B 72 -1.03 -9.56 22.55
C ARG B 72 0.15 -9.82 23.46
N ASP B 73 0.78 -10.97 23.26
CA ASP B 73 2.05 -11.28 23.92
C ASP B 73 3.01 -11.82 22.86
N ASN B 74 4.01 -11.02 22.52
CA ASN B 74 4.96 -11.37 21.48
C ASN B 74 5.92 -12.47 21.95
N ALA B 75 6.15 -12.53 23.26
CA ALA B 75 6.99 -13.56 23.83
C ALA B 75 6.32 -14.93 23.74
N LYS B 76 5.00 -14.94 23.75
CA LYS B 76 4.23 -16.18 23.66
C LYS B 76 3.66 -16.41 22.26
N ASN B 77 3.97 -15.48 21.36
CA ASN B 77 3.44 -15.52 19.99
C ASN B 77 1.92 -15.60 19.96
N SER B 78 1.25 -14.81 20.78
CA SER B 78 -0.20 -14.97 20.92
C SER B 78 -1.00 -13.68 20.81
N LEU B 79 -2.12 -13.76 20.09
CA LEU B 79 -3.09 -12.69 20.02
C LEU B 79 -4.23 -13.03 20.98
N TYR B 80 -4.88 -12.02 21.55
CA TYR B 80 -5.98 -12.26 22.49
C TYR B 80 -7.15 -11.33 22.26
N LEU B 81 -8.36 -11.84 22.51
CA LEU B 81 -9.56 -11.02 22.46
C LEU B 81 -10.43 -11.27 23.68
N GLN B 82 -10.54 -10.27 24.55
CA GLN B 82 -11.41 -10.36 25.71
C GLN B 82 -12.80 -9.83 25.40
N MET B 83 -13.78 -10.71 25.39
CA MET B 83 -15.14 -10.34 25.05
C MET B 83 -16.01 -10.27 26.30
N ASN B 84 -16.53 -9.07 26.58
CA ASN B 84 -17.43 -8.86 27.71
C ASN B 84 -18.77 -8.31 27.24
N SER B 85 -19.78 -8.40 28.11
CA SER B 85 -21.14 -7.93 27.81
C SER B 85 -21.64 -8.48 26.49
N LEU B 86 -21.48 -9.78 26.29
CA LEU B 86 -21.81 -10.43 25.03
C LEU B 86 -23.28 -10.29 24.65
N ARG B 87 -23.53 -10.12 23.35
CA ARG B 87 -24.88 -9.98 22.82
C ARG B 87 -25.15 -11.09 21.82
N ALA B 88 -26.38 -11.20 21.35
CA ALA B 88 -26.69 -12.21 20.33
C ALA B 88 -26.07 -11.84 18.99
N GLU B 89 -25.83 -10.54 18.78
CA GLU B 89 -25.18 -10.07 17.56
C GLU B 89 -23.72 -10.54 17.44
N ASP B 90 -23.16 -11.04 18.54
CA ASP B 90 -21.74 -11.38 18.58
C ASP B 90 -21.50 -12.83 18.17
N THR B 91 -22.58 -13.57 17.98
CA THR B 91 -22.48 -14.96 17.54
C THR B 91 -21.85 -15.02 16.15
N ALA B 92 -20.69 -15.67 16.06
CA ALA B 92 -19.94 -15.70 14.80
C ALA B 92 -18.74 -16.62 14.91
N VAL B 93 -18.19 -17.00 13.75
CA VAL B 93 -16.87 -17.59 13.71
C VAL B 93 -15.84 -16.46 13.81
N TYR B 94 -14.88 -16.60 14.70
CA TYR B 94 -13.86 -15.58 14.90
C TYR B 94 -12.52 -16.01 14.32
N TYR B 95 -12.02 -15.19 13.40
CA TYR B 95 -10.78 -15.43 12.68
C TYR B 95 -9.65 -14.52 13.16
N CYS B 96 -8.51 -15.15 13.37
CA CYS B 96 -7.25 -14.47 13.56
C CYS B 96 -6.64 -14.20 12.19
N ALA B 97 -6.37 -12.93 11.88
CA ALA B 97 -5.80 -12.59 10.58
C ALA B 97 -4.60 -11.66 10.73
N ARG B 98 -3.55 -11.96 9.99
CA ARG B 98 -2.36 -11.11 10.02
C ARG B 98 -2.47 -9.95 9.03
N GLU B 99 -2.15 -8.74 9.47
CA GLU B 99 -2.08 -7.61 8.55
C GLU B 99 -0.68 -7.53 7.96
N GLY B 100 -0.54 -7.93 6.71
CA GLY B 100 0.77 -8.04 6.07
C GLY B 100 1.45 -6.71 5.77
N GLY B 101 2.77 -6.73 5.79
CA GLY B 101 3.55 -5.53 5.49
C GLY B 101 4.05 -4.84 6.74
N TRP B 102 4.37 -3.56 6.62
CA TRP B 102 4.85 -2.79 7.75
C TRP B 102 3.69 -2.27 8.58
N PHE B 103 2.65 -1.82 7.90
CA PHE B 103 1.49 -1.21 8.55
C PHE B 103 0.18 -1.83 8.09
N GLY B 104 0.24 -3.03 7.53
CA GLY B 104 -0.95 -3.72 7.08
C GLY B 104 -1.34 -3.38 5.66
N GLU B 105 -0.40 -2.83 4.89
CA GLU B 105 -0.70 -2.40 3.52
C GLU B 105 -0.83 -3.58 2.55
N LEU B 106 -0.43 -4.76 3.01
CA LEU B 106 -0.58 -5.97 2.20
C LEU B 106 -1.88 -6.72 2.56
N ALA B 107 -2.79 -6.02 3.24
CA ALA B 107 -4.08 -6.58 3.66
C ALA B 107 -3.94 -7.83 4.53
N PHE B 108 -5.03 -8.60 4.63
CA PHE B 108 -5.04 -9.84 5.41
C PHE B 108 -4.47 -10.99 4.59
N ASP B 109 -3.15 -11.13 4.58
CA ASP B 109 -2.53 -12.13 3.71
C ASP B 109 -2.56 -13.53 4.30
N TYR B 110 -2.73 -13.65 5.62
CA TYR B 110 -2.84 -14.95 6.25
C TYR B 110 -3.95 -15.00 7.30
N TRP B 111 -4.70 -16.10 7.29
CA TRP B 111 -5.85 -16.28 8.16
C TRP B 111 -5.72 -17.56 8.99
N GLY B 112 -6.34 -17.54 10.17
CA GLY B 112 -6.42 -18.74 10.97
C GLY B 112 -7.64 -19.49 10.50
N GLN B 113 -8.23 -20.34 11.30
CA GLN B 113 -9.25 -21.17 10.69
C GLN B 113 -10.47 -21.12 11.52
N GLY B 114 -10.40 -20.29 12.56
CA GLY B 114 -11.58 -19.72 13.17
C GLY B 114 -12.09 -20.54 14.33
N THR B 115 -12.65 -19.85 15.32
CA THR B 115 -13.34 -20.53 16.41
C THR B 115 -14.76 -20.04 16.49
N LEU B 116 -15.72 -20.97 16.53
CA LEU B 116 -17.11 -20.60 16.61
C LEU B 116 -17.47 -20.14 18.02
N VAL B 117 -18.02 -18.94 18.10
CA VAL B 117 -18.57 -18.42 19.35
C VAL B 117 -20.06 -18.24 19.18
N THR B 118 -20.84 -18.96 19.97
CA THR B 118 -22.28 -18.87 19.87
C THR B 118 -22.87 -18.31 21.17
N VAL B 119 -23.72 -17.30 21.03
CA VAL B 119 -24.31 -16.62 22.17
C VAL B 119 -25.83 -16.69 22.15
N SER B 120 -26.42 -17.42 23.09
CA SER B 120 -27.88 -17.51 23.22
C SER B 120 -28.28 -18.05 24.58
N GLU C 1 -17.94 5.93 7.72
CA GLU C 1 -17.63 4.53 7.42
C GLU C 1 -17.83 4.24 5.94
N ILE C 2 -16.85 3.57 5.34
CA ILE C 2 -16.93 3.25 3.92
C ILE C 2 -17.75 1.98 3.68
N VAL C 3 -18.92 2.16 3.08
CA VAL C 3 -19.79 1.04 2.75
C VAL C 3 -19.43 0.47 1.38
N LEU C 4 -19.17 -0.83 1.33
CA LEU C 4 -18.89 -1.51 0.07
C LEU C 4 -20.11 -2.28 -0.42
N THR C 5 -20.52 -1.99 -1.64
CA THR C 5 -21.67 -2.66 -2.24
C THR C 5 -21.22 -3.52 -3.42
N GLN C 6 -21.35 -4.82 -3.28
CA GLN C 6 -20.95 -5.76 -4.32
C GLN C 6 -22.11 -6.11 -5.25
N SER C 7 -21.78 -6.41 -6.50
CA SER C 7 -22.79 -6.85 -7.47
C SER C 7 -22.14 -7.71 -8.55
N PRO C 8 -22.89 -8.71 -9.05
CA PRO C 8 -24.21 -9.11 -8.57
C PRO C 8 -24.12 -9.98 -7.33
N GLY C 9 -25.26 -10.27 -6.70
CA GLY C 9 -25.27 -11.09 -5.51
C GLY C 9 -24.91 -12.53 -5.80
N THR C 10 -25.36 -13.02 -6.95
CA THR C 10 -25.15 -14.41 -7.33
C THR C 10 -24.75 -14.54 -8.80
N LEU C 11 -23.73 -15.35 -9.05
CA LEU C 11 -23.27 -15.62 -10.41
C LEU C 11 -23.24 -17.12 -10.67
N SER C 12 -23.86 -17.54 -11.76
CA SER C 12 -23.91 -18.96 -12.13
C SER C 12 -23.35 -19.17 -13.53
N LEU C 13 -22.19 -19.80 -13.62
CA LEU C 13 -21.48 -19.94 -14.88
C LEU C 13 -20.86 -21.33 -15.04
N SER C 14 -20.59 -21.70 -16.30
CA SER C 14 -19.98 -22.99 -16.60
C SER C 14 -18.46 -22.88 -16.58
N PRO C 15 -17.75 -23.99 -16.33
CA PRO C 15 -16.28 -23.97 -16.39
C PRO C 15 -15.76 -23.47 -17.73
N GLY C 16 -14.71 -22.65 -17.69
CA GLY C 16 -14.15 -22.10 -18.91
C GLY C 16 -14.62 -20.68 -19.18
N GLU C 17 -15.76 -20.31 -18.61
CA GLU C 17 -16.31 -18.96 -18.80
C GLU C 17 -15.57 -17.93 -17.94
N ARG C 18 -16.00 -16.68 -18.03
CA ARG C 18 -15.37 -15.59 -17.29
C ARG C 18 -16.34 -14.88 -16.34
N ALA C 19 -15.95 -14.80 -15.07
CA ALA C 19 -16.76 -14.13 -14.05
C ALA C 19 -16.33 -12.68 -13.86
N THR C 20 -17.29 -11.76 -13.90
CA THR C 20 -17.00 -10.35 -13.67
C THR C 20 -17.73 -9.83 -12.43
N LEU C 21 -16.96 -9.47 -11.42
CA LEU C 21 -17.51 -9.05 -10.13
C LEU C 21 -17.22 -7.57 -9.86
N SER C 22 -18.21 -6.86 -9.34
CA SER C 22 -18.07 -5.43 -9.10
C SER C 22 -18.16 -5.05 -7.63
N CYS C 23 -17.28 -4.14 -7.22
CA CYS C 23 -17.30 -3.58 -5.87
C CYS C 23 -17.40 -2.05 -5.98
N ARG C 24 -18.40 -1.49 -5.31
CA ARG C 24 -18.62 -0.05 -5.35
C ARG C 24 -18.54 0.57 -3.96
N ALA C 25 -17.62 1.50 -3.76
CA ALA C 25 -17.43 2.13 -2.45
C ALA C 25 -18.25 3.41 -2.30
N SER C 26 -18.74 3.65 -1.09
CA SER C 26 -19.55 4.83 -0.79
C SER C 26 -18.74 6.12 -0.84
N GLN C 27 -17.41 5.98 -0.74
CA GLN C 27 -16.51 7.11 -0.92
C GLN C 27 -15.15 6.58 -1.34
N ARG C 28 -14.27 7.47 -1.77
CA ARG C 28 -12.97 7.08 -2.32
C ARG C 28 -12.15 6.25 -1.33
N VAL C 29 -11.54 5.18 -1.84
CA VAL C 29 -10.69 4.31 -1.03
C VAL C 29 -9.25 4.81 -1.09
N SER C 30 -8.70 5.14 0.08
CA SER C 30 -7.38 5.73 0.17
C SER C 30 -6.29 4.77 -0.33
N SER C 31 -5.41 5.29 -1.20
CA SER C 31 -4.30 4.55 -1.76
C SER C 31 -4.73 3.30 -2.54
N SER C 32 -6.00 3.27 -2.95
CA SER C 32 -6.59 2.10 -3.60
C SER C 32 -6.35 0.83 -2.78
N TYR C 33 -6.43 0.96 -1.46
CA TYR C 33 -6.28 -0.18 -0.58
C TYR C 33 -7.54 -1.03 -0.60
N LEU C 34 -7.72 -1.74 -1.72
CA LEU C 34 -8.88 -2.59 -1.93
C LEU C 34 -8.40 -4.02 -2.17
N ALA C 35 -8.90 -4.93 -1.36
CA ALA C 35 -8.52 -6.34 -1.45
C ALA C 35 -9.69 -7.22 -1.88
N TRP C 36 -9.37 -8.35 -2.49
CA TRP C 36 -10.35 -9.38 -2.83
C TRP C 36 -9.96 -10.70 -2.19
N TYR C 37 -10.95 -11.33 -1.56
CA TYR C 37 -10.78 -12.60 -0.87
C TYR C 37 -11.72 -13.66 -1.43
N GLN C 38 -11.23 -14.89 -1.47
CA GLN C 38 -12.04 -16.05 -1.84
C GLN C 38 -12.33 -16.89 -0.61
N GLN C 39 -13.60 -17.21 -0.40
CA GLN C 39 -13.96 -18.11 0.70
C GLN C 39 -14.72 -19.32 0.17
N LYS C 40 -14.09 -20.48 0.29
CA LYS C 40 -14.69 -21.75 -0.08
C LYS C 40 -15.54 -22.28 1.07
N PRO C 41 -16.60 -23.05 0.76
CA PRO C 41 -17.66 -23.51 1.67
C PRO C 41 -17.25 -23.84 3.12
N GLY C 42 -16.12 -24.48 3.34
CA GLY C 42 -15.75 -24.87 4.69
C GLY C 42 -14.49 -24.23 5.23
N GLN C 43 -14.05 -23.16 4.59
CA GLN C 43 -12.73 -22.61 4.90
C GLN C 43 -12.72 -21.14 5.30
N ALA C 44 -11.57 -20.69 5.78
CA ALA C 44 -11.30 -19.28 6.00
C ALA C 44 -11.12 -18.60 4.66
N PRO C 45 -11.40 -17.29 4.59
CA PRO C 45 -11.11 -16.55 3.36
C PRO C 45 -9.63 -16.59 3.02
N ARG C 46 -9.29 -16.57 1.74
CA ARG C 46 -7.89 -16.44 1.34
C ARG C 46 -7.73 -15.20 0.46
N LEU C 47 -6.58 -14.54 0.59
CA LEU C 47 -6.33 -13.31 -0.14
C LEU C 47 -6.04 -13.57 -1.61
N LEU C 48 -6.85 -12.98 -2.48
CA LEU C 48 -6.62 -13.08 -3.92
C LEU C 48 -5.91 -11.84 -4.43
N ILE C 49 -6.47 -10.67 -4.12
CA ILE C 49 -5.93 -9.41 -4.65
C ILE C 49 -5.72 -8.40 -3.52
N TYR C 50 -4.63 -7.65 -3.60
CA TYR C 50 -4.44 -6.49 -2.71
C TYR C 50 -4.02 -5.28 -3.54
N ASP C 51 -4.20 -4.09 -2.97
CA ASP C 51 -3.95 -2.84 -3.69
C ASP C 51 -4.70 -2.79 -5.00
N ALA C 52 -5.91 -3.37 -5.00
CA ALA C 52 -6.85 -3.34 -6.12
C ALA C 52 -6.41 -4.17 -7.34
N SER C 53 -5.11 -4.35 -7.57
CA SER C 53 -4.67 -5.03 -8.78
C SER C 53 -3.49 -5.99 -8.58
N SER C 54 -2.86 -5.95 -7.40
CA SER C 54 -1.73 -6.84 -7.13
C SER C 54 -2.19 -8.20 -6.65
N ARG C 55 -1.63 -9.26 -7.23
CA ARG C 55 -1.98 -10.62 -6.85
C ARG C 55 -1.14 -11.08 -5.67
N ALA C 56 -1.79 -11.72 -4.70
CA ALA C 56 -1.09 -12.29 -3.57
C ALA C 56 -0.23 -13.47 -4.02
N THR C 57 0.69 -13.90 -3.16
CA THR C 57 1.60 -14.97 -3.52
C THR C 57 0.85 -16.28 -3.76
N GLY C 58 1.11 -16.90 -4.90
CA GLY C 58 0.50 -18.18 -5.23
C GLY C 58 -0.74 -18.06 -6.10
N ILE C 59 -1.33 -16.87 -6.13
CA ILE C 59 -2.56 -16.64 -6.89
C ILE C 59 -2.28 -16.50 -8.37
N PRO C 60 -2.88 -17.39 -9.20
CA PRO C 60 -2.69 -17.40 -10.65
C PRO C 60 -3.12 -16.10 -11.32
N ASP C 61 -2.71 -15.92 -12.57
CA ASP C 61 -2.92 -14.66 -13.28
C ASP C 61 -4.34 -14.54 -13.83
N ARG C 62 -5.10 -15.62 -13.77
CA ARG C 62 -6.48 -15.58 -14.24
C ARG C 62 -7.39 -14.83 -13.26
N PHE C 63 -6.90 -14.63 -12.05
CA PHE C 63 -7.55 -13.73 -11.09
C PHE C 63 -6.99 -12.31 -11.28
N SER C 64 -7.82 -11.41 -11.81
CA SER C 64 -7.36 -10.08 -12.19
C SER C 64 -8.19 -8.96 -11.58
N GLY C 65 -7.58 -8.18 -10.70
CA GLY C 65 -8.27 -7.05 -10.10
C GLY C 65 -7.93 -5.75 -10.79
N SER C 66 -8.90 -4.84 -10.85
CA SER C 66 -8.68 -3.53 -11.45
C SER C 66 -9.63 -2.48 -10.86
N GLY C 67 -9.42 -1.22 -11.25
CA GLY C 67 -10.28 -0.14 -10.82
C GLY C 67 -9.63 0.82 -9.84
N SER C 68 -10.32 1.92 -9.55
CA SER C 68 -9.80 2.92 -8.61
C SER C 68 -10.92 3.81 -8.10
N GLY C 69 -10.57 4.70 -7.18
CA GLY C 69 -11.52 5.63 -6.61
C GLY C 69 -12.61 4.92 -5.83
N THR C 70 -13.76 4.76 -6.47
CA THR C 70 -14.88 4.09 -5.83
C THR C 70 -15.34 2.87 -6.62
N ASP C 71 -14.72 2.63 -7.77
CA ASP C 71 -15.15 1.54 -8.64
C ASP C 71 -14.07 0.49 -8.84
N PHE C 72 -14.34 -0.73 -8.37
CA PHE C 72 -13.37 -1.81 -8.47
C PHE C 72 -14.01 -3.05 -9.10
N THR C 73 -13.17 -3.88 -9.70
CA THR C 73 -13.64 -5.06 -10.42
C THR C 73 -12.70 -6.24 -10.24
N LEU C 74 -13.26 -7.41 -9.98
CA LEU C 74 -12.51 -8.66 -9.98
C LEU C 74 -12.95 -9.55 -11.13
N THR C 75 -12.02 -9.88 -12.02
CA THR C 75 -12.31 -10.74 -13.15
C THR C 75 -11.66 -12.11 -12.96
N ILE C 76 -12.45 -13.16 -13.07
CA ILE C 76 -11.94 -14.52 -12.99
C ILE C 76 -12.10 -15.21 -14.33
N SER C 77 -11.01 -15.33 -15.07
CA SER C 77 -11.03 -16.00 -16.37
C SER C 77 -10.82 -17.50 -16.18
N ARG C 78 -11.22 -18.27 -17.20
CA ARG C 78 -11.04 -19.72 -17.20
C ARG C 78 -11.63 -20.37 -15.96
N LEU C 79 -12.91 -20.13 -15.70
CA LEU C 79 -13.55 -20.61 -14.49
C LEU C 79 -13.37 -22.11 -14.31
N GLU C 80 -12.94 -22.49 -13.10
CA GLU C 80 -12.72 -23.88 -12.75
C GLU C 80 -13.79 -24.34 -11.76
N PRO C 81 -13.95 -25.65 -11.60
CA PRO C 81 -14.87 -26.15 -10.57
C PRO C 81 -14.47 -25.71 -9.16
N GLU C 82 -13.17 -25.52 -8.94
CA GLU C 82 -12.65 -25.10 -7.65
C GLU C 82 -13.07 -23.68 -7.27
N ASP C 83 -13.41 -22.88 -8.27
CA ASP C 83 -13.74 -21.48 -8.05
C ASP C 83 -15.13 -21.29 -7.47
N PHE C 84 -15.84 -22.40 -7.24
CA PHE C 84 -17.14 -22.36 -6.59
C PHE C 84 -16.95 -21.82 -5.17
N ALA C 85 -17.33 -20.56 -4.95
CA ALA C 85 -17.05 -19.92 -3.67
C ALA C 85 -17.74 -18.58 -3.53
N VAL C 86 -17.58 -17.96 -2.37
CA VAL C 86 -18.07 -16.60 -2.17
C VAL C 86 -16.88 -15.63 -2.20
N TYR C 87 -17.04 -14.51 -2.90
CA TYR C 87 -15.95 -13.57 -3.05
C TYR C 87 -16.25 -12.23 -2.38
N TYR C 88 -15.31 -11.77 -1.57
CA TYR C 88 -15.50 -10.54 -0.80
C TYR C 88 -14.49 -9.45 -1.19
N CYS C 89 -14.97 -8.22 -1.28
CA CYS C 89 -14.03 -7.10 -1.37
C CYS C 89 -13.91 -6.45 0.00
N GLN C 90 -12.76 -5.85 0.27
CA GLN C 90 -12.50 -5.20 1.54
C GLN C 90 -11.68 -3.93 1.31
N GLN C 91 -12.00 -2.86 2.03
CA GLN C 91 -11.12 -1.69 2.00
C GLN C 91 -10.33 -1.65 3.29
N TYR C 92 -9.05 -1.31 3.19
CA TYR C 92 -8.21 -1.22 4.38
C TYR C 92 -7.39 0.07 4.31
N GLY C 93 -8.00 1.11 3.78
CA GLY C 93 -7.36 2.41 3.73
C GLY C 93 -7.84 3.33 4.84
N SER C 94 -9.04 3.09 5.33
CA SER C 94 -9.63 3.96 6.34
C SER C 94 -10.40 3.17 7.42
N LEU C 95 -10.00 3.35 8.67
CA LEU C 95 -10.67 2.69 9.78
C LEU C 95 -12.12 3.16 9.91
N PRO C 96 -13.04 2.23 10.18
CA PRO C 96 -12.79 0.80 10.38
C PRO C 96 -12.68 0.06 9.04
N TRP C 97 -11.91 -1.01 9.00
CA TRP C 97 -11.87 -1.85 7.80
C TRP C 97 -13.27 -2.39 7.56
N THR C 98 -13.70 -2.36 6.30
CA THR C 98 -15.04 -2.81 5.98
C THR C 98 -15.03 -3.79 4.80
N PHE C 99 -16.04 -4.67 4.77
CA PHE C 99 -16.19 -5.67 3.71
C PHE C 99 -17.45 -5.42 2.90
N GLY C 100 -17.44 -5.89 1.65
CA GLY C 100 -18.65 -5.95 0.87
C GLY C 100 -19.47 -7.13 1.38
N GLN C 101 -20.72 -7.22 0.95
CA GLN C 101 -21.60 -8.29 1.45
C GLN C 101 -21.36 -9.61 0.74
N GLY C 102 -20.49 -9.60 -0.26
CA GLY C 102 -20.08 -10.82 -0.95
C GLY C 102 -20.85 -11.12 -2.21
N THR C 103 -20.18 -11.77 -3.16
CA THR C 103 -20.82 -12.25 -4.38
C THR C 103 -20.63 -13.76 -4.48
N LYS C 104 -21.73 -14.48 -4.62
CA LYS C 104 -21.68 -15.94 -4.70
C LYS C 104 -21.44 -16.40 -6.13
N VAL C 105 -20.33 -17.11 -6.34
CA VAL C 105 -20.03 -17.71 -7.62
C VAL C 105 -20.23 -19.21 -7.55
N GLU C 106 -21.25 -19.68 -8.26
CA GLU C 106 -21.54 -21.11 -8.32
C GLU C 106 -21.25 -21.65 -9.71
N ILE C 107 -20.45 -22.70 -9.77
CA ILE C 107 -20.06 -23.32 -11.02
C ILE C 107 -21.05 -24.40 -11.43
N LYS C 108 -21.68 -24.22 -12.59
CA LYS C 108 -22.64 -25.18 -13.12
C LYS C 108 -22.03 -26.57 -13.27
N ARG C 109 -22.74 -27.57 -12.77
CA ARG C 109 -22.32 -28.96 -12.95
C ARG C 109 -22.86 -29.52 -14.26
N GLY C 110 -21.95 -29.88 -15.15
CA GLY C 110 -22.32 -30.53 -16.39
C GLY C 110 -21.27 -31.55 -16.73
N GLY C 111 -20.49 -31.27 -17.77
CA GLY C 111 -19.38 -32.13 -18.14
C GLY C 111 -18.24 -31.32 -18.74
N GLY C 112 -17.02 -31.78 -18.53
CA GLY C 112 -15.86 -31.14 -19.12
C GLY C 112 -15.46 -29.85 -18.45
N GLY C 113 -14.42 -29.22 -18.98
CA GLY C 113 -13.88 -27.99 -18.41
C GLY C 113 -12.39 -28.11 -18.16
#